data_7K9U
#
_entry.id   7K9U
#
_cell.length_a   145.117
_cell.length_b   44.328
_cell.length_c   77.444
_cell.angle_alpha   90.000
_cell.angle_beta   103.804
_cell.angle_gamma   90.000
#
_symmetry.space_group_name_H-M   'C 1 2 1'
#
loop_
_entity.id
_entity.type
_entity.pdbx_description
1 polymer 'Hsp90-like protein'
2 non-polymer (5,7-dihydro-6H-pyrrolo[3,4-b]pyridin-6-yl){2,4-dihydroxy-6-[(1-methyl-3-phenyl-1H-pyrazol-5-yl)amino]phenyl}methanone
3 water water
#
_entity_poly.entity_id   1
_entity_poly.type   'polypeptide(L)'
_entity_poly.pdbx_seq_one_letter_code
;GPGSMSTETFGFQAEISQLLDLIINTFYSNKEIFLRELISNSSDALDKIRYAALTDPSQLDSEKDLYIRIIPNKEEGTLT
IRDTGIGMTKADLVNNLGTIAKSGTKAFMEALSSGADISMIGQFGVGFYSSYLVAEKVQVTTKHNDDEQYIWESAAGGTF
TITEDTEGPRLGRGTSMKLFIKEDLKEYLEEKRIREIVKKHSEFISYPIQLVVTKETEK
;
_entity_poly.pdbx_strand_id   A,B
#
loop_
_chem_comp.id
_chem_comp.type
_chem_comp.name
_chem_comp.formula
W8Y non-polymer (5,7-dihydro-6H-pyrrolo[3,4-b]pyridin-6-yl){2,4-dihydroxy-6-[(1-methyl-3-phenyl-1H-pyrazol-5-yl)amino]phenyl}methanone 'C24 H21 N5 O3'
#
# COMPACT_ATOMS: atom_id res chain seq x y z
N PHE A 12 -13.25 -25.05 22.42
CA PHE A 12 -13.77 -24.82 21.08
C PHE A 12 -12.63 -24.67 20.06
N GLN A 13 -12.07 -23.46 20.04
CA GLN A 13 -11.16 -23.07 18.98
C GLN A 13 -9.89 -23.90 18.98
N ALA A 14 -9.41 -24.34 20.14
CA ALA A 14 -8.13 -25.02 20.15
C ALA A 14 -8.25 -26.36 19.45
N GLU A 15 -9.30 -27.12 19.78
CA GLU A 15 -9.48 -28.43 19.19
C GLU A 15 -9.80 -28.33 17.70
N ILE A 16 -10.66 -27.38 17.32
CA ILE A 16 -11.07 -27.25 15.92
C ILE A 16 -9.89 -26.84 15.05
N SER A 17 -9.11 -25.85 15.49
CA SER A 17 -7.96 -25.43 14.70
C SER A 17 -6.91 -26.54 14.62
N GLN A 18 -6.76 -27.32 15.69
CA GLN A 18 -5.82 -28.43 15.61
C GLN A 18 -6.30 -29.46 14.60
N LEU A 19 -7.59 -29.78 14.64
CA LEU A 19 -8.13 -30.79 13.71
C LEU A 19 -7.93 -30.34 12.27
N LEU A 20 -8.29 -29.08 11.99
CA LEU A 20 -8.26 -28.61 10.62
C LEU A 20 -6.83 -28.51 10.10
N ASP A 21 -5.90 -28.07 10.96
CA ASP A 21 -4.49 -28.04 10.60
C ASP A 21 -4.02 -29.42 10.14
N LEU A 22 -4.34 -30.45 10.91
CA LEU A 22 -3.95 -31.79 10.53
C LEU A 22 -4.66 -32.25 9.26
N ILE A 23 -5.99 -32.11 9.20
CA ILE A 23 -6.74 -32.65 8.07
C ILE A 23 -6.36 -31.93 6.78
N ILE A 24 -6.26 -30.60 6.84
CA ILE A 24 -6.02 -29.83 5.62
C ILE A 24 -4.61 -30.08 5.09
N ASN A 25 -3.61 -30.08 5.98
CA ASN A 25 -2.26 -30.39 5.53
C ASN A 25 -2.14 -31.82 5.04
N THR A 26 -2.97 -32.72 5.55
CA THR A 26 -2.90 -34.11 5.08
C THR A 26 -3.49 -34.29 3.68
N PHE A 27 -4.62 -33.65 3.39
CA PHE A 27 -5.34 -33.97 2.16
C PHE A 27 -5.13 -32.98 1.03
N TYR A 28 -4.57 -31.79 1.30
CA TYR A 28 -4.30 -30.80 0.26
C TYR A 28 -2.79 -30.70 0.09
N SER A 29 -2.26 -31.45 -0.85
CA SER A 29 -0.84 -31.41 -1.13
C SER A 29 -0.44 -30.18 -1.93
N ASN A 30 -1.37 -29.57 -2.66
CA ASN A 30 -1.11 -28.33 -3.40
C ASN A 30 -1.37 -27.15 -2.47
N LYS A 31 -0.34 -26.77 -1.72
CA LYS A 31 -0.49 -25.75 -0.70
C LYS A 31 -0.88 -24.38 -1.27
N GLU A 32 -0.68 -24.15 -2.56
CA GLU A 32 -0.89 -22.80 -3.10
C GLU A 32 -2.36 -22.37 -3.09
N ILE A 33 -3.28 -23.31 -2.90
CA ILE A 33 -4.69 -22.94 -2.88
C ILE A 33 -5.09 -22.10 -1.69
N PHE A 34 -4.22 -21.95 -0.68
CA PHE A 34 -4.57 -21.02 0.42
C PHE A 34 -4.83 -19.62 -0.14
N LEU A 35 -4.08 -19.23 -1.16
CA LEU A 35 -4.24 -17.86 -1.67
C LEU A 35 -5.54 -17.72 -2.45
N ARG A 36 -5.96 -18.78 -3.15
CA ARG A 36 -7.28 -18.80 -3.81
C ARG A 36 -8.40 -18.61 -2.79
N GLU A 37 -8.32 -19.32 -1.66
CA GLU A 37 -9.38 -19.25 -0.65
C GLU A 37 -9.46 -17.87 -0.02
N LEU A 38 -8.30 -17.26 0.26
CA LEU A 38 -8.28 -15.93 0.88
C LEU A 38 -8.78 -14.87 -0.10
N ILE A 39 -8.36 -14.96 -1.36
CA ILE A 39 -8.83 -14.03 -2.35
C ILE A 39 -10.33 -14.20 -2.56
N SER A 40 -10.83 -15.44 -2.52
CA SER A 40 -12.26 -15.66 -2.67
C SER A 40 -13.03 -15.04 -1.51
N ASN A 41 -12.54 -15.20 -0.28
CA ASN A 41 -13.20 -14.58 0.87
C ASN A 41 -13.18 -13.07 0.74
N SER A 42 -12.04 -12.51 0.30
CA SER A 42 -11.95 -11.05 0.14
C SER A 42 -12.94 -10.56 -0.88
N SER A 43 -13.02 -11.24 -2.03
CA SER A 43 -13.98 -10.90 -3.07
C SER A 43 -15.42 -10.88 -2.54
N ASP A 44 -15.80 -11.88 -1.72
CA ASP A 44 -17.15 -11.89 -1.15
C ASP A 44 -17.39 -10.69 -0.24
N ALA A 45 -16.42 -10.39 0.62
CA ALA A 45 -16.54 -9.22 1.48
C ALA A 45 -16.63 -7.93 0.66
N LEU A 46 -15.95 -7.86 -0.47
CA LEU A 46 -16.04 -6.69 -1.34
C LEU A 46 -17.38 -6.61 -2.05
N ASP A 47 -17.92 -7.76 -2.50
CA ASP A 47 -19.30 -7.78 -3.03
C ASP A 47 -20.25 -7.20 -2.01
N LYS A 48 -20.04 -7.51 -0.73
CA LYS A 48 -21.01 -7.13 0.35
C LYS A 48 -20.97 -5.60 0.51
N ILE A 49 -19.80 -5.01 0.62
CA ILE A 49 -19.78 -3.53 0.76
C ILE A 49 -20.24 -2.86 -0.53
N ARG A 50 -19.91 -3.43 -1.69
CA ARG A 50 -20.38 -2.82 -2.94
C ARG A 50 -21.90 -2.77 -2.98
N TYR A 51 -22.56 -3.87 -2.58
CA TYR A 51 -24.01 -3.92 -2.61
C TYR A 51 -24.63 -2.98 -1.56
N ALA A 52 -24.06 -2.94 -0.37
CA ALA A 52 -24.56 -2.01 0.64
C ALA A 52 -24.42 -0.55 0.21
N ALA A 53 -23.36 -0.23 -0.54
CA ALA A 53 -23.14 1.14 -1.01
C ALA A 53 -24.14 1.56 -2.07
N LEU A 54 -24.83 0.62 -2.71
CA LEU A 54 -25.85 1.00 -3.69
C LEU A 54 -26.94 1.82 -3.03
N THR A 55 -27.43 1.35 -1.88
CA THR A 55 -28.50 2.04 -1.19
C THR A 55 -27.99 3.10 -0.23
N ASP A 56 -26.74 3.00 0.22
CA ASP A 56 -26.15 3.95 1.16
C ASP A 56 -24.73 4.26 0.73
N PRO A 57 -24.57 5.17 -0.24
CA PRO A 57 -23.21 5.57 -0.67
C PRO A 57 -22.27 5.94 0.47
N SER A 58 -22.78 6.48 1.59
CA SER A 58 -21.89 6.88 2.69
C SER A 58 -21.15 5.70 3.29
N GLN A 59 -21.56 4.45 2.99
CA GLN A 59 -20.82 3.29 3.47
C GLN A 59 -19.39 3.28 2.93
N LEU A 60 -19.15 3.86 1.77
CA LEU A 60 -17.78 3.91 1.28
C LEU A 60 -16.98 5.09 1.85
N ASP A 61 -17.54 5.84 2.77
CA ASP A 61 -16.83 6.98 3.33
C ASP A 61 -15.55 6.55 4.04
N SER A 62 -15.60 5.42 4.72
CA SER A 62 -14.44 4.90 5.41
C SER A 62 -13.29 4.56 4.46
N GLU A 63 -13.60 4.02 3.29
CA GLU A 63 -12.60 3.70 2.28
C GLU A 63 -13.28 3.66 0.91
N LYS A 64 -12.93 4.61 0.05
CA LYS A 64 -13.51 4.74 -1.28
C LYS A 64 -13.22 3.65 -2.30
N ASP A 65 -12.01 3.13 -2.27
CA ASP A 65 -11.58 2.12 -3.21
C ASP A 65 -11.79 0.68 -2.78
N LEU A 66 -12.24 -0.16 -3.70
CA LEU A 66 -12.46 -1.57 -3.42
C LEU A 66 -11.36 -2.35 -4.11
N TYR A 67 -10.53 -3.05 -3.34
CA TYR A 67 -9.42 -3.78 -3.91
C TYR A 67 -8.94 -4.84 -2.94
N ILE A 68 -8.04 -5.68 -3.46
CA ILE A 68 -7.30 -6.67 -2.70
C ILE A 68 -5.82 -6.38 -2.90
N ARG A 69 -5.06 -6.34 -1.80
CA ARG A 69 -3.65 -6.03 -1.88
C ARG A 69 -2.86 -7.08 -1.11
N ILE A 70 -1.80 -7.60 -1.72
CA ILE A 70 -0.93 -8.62 -1.15
C ILE A 70 0.41 -7.98 -0.82
N ILE A 71 0.88 -8.21 0.40
CA ILE A 71 2.10 -7.56 0.88
C ILE A 71 3.02 -8.59 1.52
N PRO A 72 4.04 -9.08 0.81
CA PRO A 72 5.03 -9.95 1.46
C PRO A 72 6.07 -9.12 2.20
N ASN A 73 6.55 -9.68 3.31
CA ASN A 73 7.59 -9.06 4.13
C ASN A 73 8.57 -10.18 4.47
N LYS A 74 9.68 -10.23 3.72
CA LYS A 74 10.66 -11.30 3.87
C LYS A 74 11.43 -11.17 5.17
N GLU A 75 11.61 -9.96 5.66
CA GLU A 75 12.34 -9.76 6.91
C GLU A 75 11.51 -10.24 8.10
N GLU A 76 10.20 -10.06 8.04
CA GLU A 76 9.26 -10.54 9.05
C GLU A 76 8.82 -11.97 8.81
N GLY A 77 9.00 -12.47 7.59
CA GLY A 77 8.50 -13.77 7.22
C GLY A 77 6.99 -13.85 7.09
N THR A 78 6.33 -12.77 6.67
CA THR A 78 4.89 -12.76 6.63
C THR A 78 4.39 -12.44 5.24
N LEU A 79 3.21 -12.97 4.93
CA LEU A 79 2.47 -12.61 3.73
C LEU A 79 1.14 -12.02 4.16
N THR A 80 0.89 -10.75 3.85
CA THR A 80 -0.37 -10.13 4.23
C THR A 80 -1.28 -10.00 3.03
N ILE A 81 -2.54 -10.39 3.19
CA ILE A 81 -3.60 -10.20 2.20
C ILE A 81 -4.60 -9.27 2.84
N ARG A 82 -4.72 -8.05 2.31
CA ARG A 82 -5.66 -7.06 2.82
C ARG A 82 -6.72 -6.75 1.77
N ASP A 83 -7.96 -6.59 2.22
CA ASP A 83 -9.01 -6.11 1.34
C ASP A 83 -9.75 -4.93 1.96
N THR A 84 -10.41 -4.16 1.12
CA THR A 84 -11.26 -3.08 1.60
C THR A 84 -12.74 -3.46 1.52
N GLY A 85 -13.02 -4.73 1.84
CA GLY A 85 -14.38 -5.20 1.87
C GLY A 85 -15.13 -4.67 3.08
N ILE A 86 -16.27 -5.27 3.33
CA ILE A 86 -17.18 -4.80 4.37
C ILE A 86 -16.62 -5.00 5.77
N GLY A 87 -15.61 -5.85 5.95
CA GLY A 87 -15.06 -6.11 7.26
C GLY A 87 -16.02 -6.94 8.12
N MET A 88 -15.62 -7.15 9.37
CA MET A 88 -16.42 -7.91 10.32
C MET A 88 -16.58 -7.11 11.61
N THR A 89 -17.81 -7.06 12.14
CA THR A 89 -17.97 -6.59 13.51
C THR A 89 -17.40 -7.62 14.47
N LYS A 90 -17.34 -7.26 15.76
CA LYS A 90 -16.95 -8.29 16.73
C LYS A 90 -17.94 -9.45 16.74
N ALA A 91 -19.24 -9.15 16.65
CA ALA A 91 -20.24 -10.21 16.57
C ALA A 91 -20.01 -11.11 15.36
N ASP A 92 -19.71 -10.52 14.20
CA ASP A 92 -19.41 -11.30 13.00
C ASP A 92 -18.24 -12.27 13.27
N LEU A 93 -17.16 -11.76 13.84
CA LEU A 93 -15.99 -12.59 14.08
C LEU A 93 -16.29 -13.66 15.13
N VAL A 94 -17.03 -13.31 16.19
CA VAL A 94 -17.43 -14.30 17.19
C VAL A 94 -18.22 -15.42 16.56
N ASN A 95 -19.18 -15.08 15.69
CA ASN A 95 -19.98 -16.08 15.00
C ASN A 95 -19.10 -16.99 14.15
N ASN A 96 -18.13 -16.39 13.45
CA ASN A 96 -17.21 -17.18 12.64
C ASN A 96 -16.45 -18.18 13.50
N LEU A 97 -15.91 -17.72 14.64
CA LEU A 97 -15.11 -18.59 15.51
C LEU A 97 -15.97 -19.65 16.18
N GLY A 98 -17.22 -19.34 16.49
CA GLY A 98 -18.04 -20.31 17.20
C GLY A 98 -18.87 -21.13 16.24
N THR A 99 -20.03 -20.58 15.93
CA THR A 99 -21.03 -21.29 15.11
C THR A 99 -20.46 -21.78 13.78
N ILE A 100 -19.87 -20.88 13.01
CA ILE A 100 -19.43 -21.27 11.64
C ILE A 100 -18.31 -22.30 11.68
N ALA A 101 -17.30 -22.06 12.52
CA ALA A 101 -16.19 -23.00 12.58
C ALA A 101 -16.65 -24.39 12.97
N LYS A 102 -17.55 -24.49 13.96
CA LYS A 102 -18.03 -25.79 14.41
C LYS A 102 -18.84 -26.48 13.32
N SER A 103 -19.84 -25.78 12.79
CA SER A 103 -20.69 -26.38 11.76
C SER A 103 -19.91 -26.66 10.48
N GLY A 104 -19.02 -25.75 10.07
CA GLY A 104 -18.28 -25.97 8.85
C GLY A 104 -17.29 -27.12 8.94
N THR A 105 -16.68 -27.29 10.11
CA THR A 105 -15.79 -28.43 10.32
C THR A 105 -16.56 -29.74 10.20
N LYS A 106 -17.77 -29.79 10.77
CA LYS A 106 -18.60 -30.99 10.65
C LYS A 106 -18.91 -31.29 9.18
N ALA A 107 -19.32 -30.26 8.42
CA ALA A 107 -19.72 -30.49 7.04
C ALA A 107 -18.51 -30.85 6.17
N PHE A 108 -17.37 -30.20 6.45
CA PHE A 108 -16.13 -30.45 5.70
C PHE A 108 -15.69 -31.90 5.85
N MET A 109 -15.72 -32.43 7.05
CA MET A 109 -15.18 -33.76 7.20
C MET A 109 -16.20 -34.86 6.93
N GLU A 110 -17.50 -34.52 6.90
CA GLU A 110 -18.46 -35.45 6.34
C GLU A 110 -18.30 -35.54 4.82
N ALA A 111 -18.06 -34.42 4.18
CA ALA A 111 -17.83 -34.43 2.75
C ALA A 111 -16.56 -35.22 2.48
N LEU A 112 -15.56 -35.03 3.33
CA LEU A 112 -14.29 -35.71 3.18
C LEU A 112 -14.45 -37.22 3.30
N SER A 113 -15.18 -37.65 4.32
CA SER A 113 -15.45 -39.05 4.59
C SER A 113 -16.25 -39.68 3.47
N SER A 114 -17.19 -38.92 2.94
CA SER A 114 -18.06 -39.32 1.86
C SER A 114 -17.33 -39.57 0.56
N GLY A 115 -16.17 -38.98 0.42
CA GLY A 115 -15.49 -39.12 -0.83
C GLY A 115 -15.98 -38.08 -1.81
N ALA A 116 -16.71 -37.11 -1.29
CA ALA A 116 -17.26 -36.03 -2.09
C ALA A 116 -16.14 -35.12 -2.52
N ASP A 117 -16.43 -34.25 -3.48
CA ASP A 117 -15.42 -33.35 -4.00
C ASP A 117 -15.31 -32.14 -3.07
N ILE A 118 -14.21 -32.16 -2.33
CA ILE A 118 -13.88 -31.17 -1.33
C ILE A 118 -12.75 -30.27 -1.78
N SER A 119 -12.57 -30.10 -3.08
CA SER A 119 -11.49 -29.26 -3.60
C SER A 119 -11.61 -27.83 -3.12
N MET A 120 -12.83 -27.31 -3.10
CA MET A 120 -13.10 -25.95 -2.64
C MET A 120 -13.48 -25.93 -1.17
N ILE A 121 -12.52 -25.62 -0.33
CA ILE A 121 -12.71 -25.60 1.10
C ILE A 121 -13.71 -24.60 1.61
N GLY A 122 -13.69 -23.43 1.00
CA GLY A 122 -14.59 -22.37 1.42
C GLY A 122 -16.06 -22.69 1.27
N GLN A 123 -16.42 -23.72 0.49
CA GLN A 123 -17.84 -24.04 0.46
C GLN A 123 -18.34 -24.56 1.81
N PHE A 124 -17.42 -24.92 2.72
CA PHE A 124 -17.77 -25.34 4.07
C PHE A 124 -17.57 -24.23 5.09
N GLY A 125 -17.33 -22.99 4.63
CA GLY A 125 -17.20 -21.89 5.55
C GLY A 125 -15.94 -21.87 6.38
N VAL A 126 -15.00 -22.78 6.13
CA VAL A 126 -13.79 -22.86 6.92
C VAL A 126 -12.56 -22.67 6.03
N GLY A 127 -12.75 -22.04 4.89
CA GLY A 127 -11.63 -21.72 4.02
C GLY A 127 -10.53 -20.93 4.72
N PHE A 128 -10.89 -20.15 5.74
CA PHE A 128 -9.88 -19.43 6.52
C PHE A 128 -8.74 -20.35 6.92
N TYR A 129 -9.08 -21.57 7.38
CA TYR A 129 -8.08 -22.44 7.93
C TYR A 129 -7.15 -23.03 6.89
N SER A 130 -7.47 -22.89 5.62
CA SER A 130 -6.51 -23.30 4.59
C SER A 130 -5.22 -22.49 4.67
N SER A 131 -5.26 -21.33 5.33
CA SER A 131 -4.05 -20.61 5.69
C SER A 131 -3.00 -21.52 6.32
N TYR A 132 -3.44 -22.54 7.07
CA TYR A 132 -2.52 -23.45 7.75
C TYR A 132 -1.68 -24.28 6.78
N LEU A 133 -2.03 -24.30 5.50
CA LEU A 133 -1.18 -24.98 4.53
C LEU A 133 0.22 -24.37 4.52
N VAL A 134 0.34 -23.06 4.73
CA VAL A 134 1.64 -22.40 4.54
C VAL A 134 2.05 -21.61 5.78
N ALA A 135 1.14 -21.47 6.74
CA ALA A 135 1.31 -20.55 7.84
C ALA A 135 1.25 -21.31 9.17
N GLU A 136 2.10 -20.94 10.12
CA GLU A 136 1.98 -21.49 11.46
C GLU A 136 1.16 -20.58 12.39
N LYS A 137 0.89 -19.34 11.98
CA LYS A 137 -0.05 -18.54 12.73
C LYS A 137 -0.53 -17.43 11.82
N VAL A 138 -1.74 -16.97 12.09
CA VAL A 138 -2.40 -15.92 11.32
C VAL A 138 -2.87 -14.85 12.29
N GLN A 139 -2.62 -13.57 11.96
CA GLN A 139 -3.21 -12.46 12.71
C GLN A 139 -4.28 -11.82 11.83
N VAL A 140 -5.53 -11.87 12.30
CA VAL A 140 -6.68 -11.31 11.60
C VAL A 140 -6.94 -9.93 12.16
N THR A 141 -6.89 -8.90 11.31
CA THR A 141 -7.30 -7.55 11.68
C THR A 141 -8.53 -7.22 10.85
N THR A 142 -9.54 -6.63 11.47
CA THR A 142 -10.75 -6.38 10.70
C THR A 142 -11.46 -5.13 11.24
N LYS A 143 -12.11 -4.42 10.31
CA LYS A 143 -12.76 -3.14 10.60
C LYS A 143 -14.04 -3.06 9.77
N HIS A 144 -15.17 -3.01 10.46
CA HIS A 144 -16.49 -2.85 9.88
C HIS A 144 -16.98 -1.45 10.23
N ASN A 145 -17.81 -0.88 9.36
CA ASN A 145 -18.24 0.49 9.59
C ASN A 145 -18.97 0.67 10.93
N ASP A 146 -19.55 -0.40 11.48
CA ASP A 146 -20.40 -0.25 12.65
C ASP A 146 -19.69 -0.57 13.95
N ASP A 147 -18.37 -0.75 13.92
CA ASP A 147 -17.65 -1.26 15.06
C ASP A 147 -16.21 -0.75 15.02
N GLU A 148 -15.44 -1.16 16.03
CA GLU A 148 -14.03 -0.81 16.16
C GLU A 148 -13.16 -1.77 15.36
N GLN A 149 -11.88 -1.43 15.27
CA GLN A 149 -10.92 -2.33 14.67
C GLN A 149 -10.55 -3.40 15.69
N TYR A 150 -10.62 -4.64 15.25
CA TYR A 150 -10.31 -5.77 16.15
C TYR A 150 -9.20 -6.63 15.55
N ILE A 151 -8.42 -7.27 16.43
CA ILE A 151 -7.40 -8.21 16.01
C ILE A 151 -7.67 -9.55 16.72
N TRP A 152 -7.43 -10.64 16.01
CA TRP A 152 -7.52 -11.99 16.59
C TRP A 152 -6.43 -12.84 15.99
N GLU A 153 -5.74 -13.60 16.84
CA GLU A 153 -4.65 -14.46 16.42
C GLU A 153 -5.11 -15.92 16.37
N SER A 154 -4.69 -16.63 15.33
CA SER A 154 -5.03 -18.03 15.16
C SER A 154 -3.76 -18.85 15.06
N ALA A 155 -3.64 -19.89 15.86
CA ALA A 155 -2.64 -20.90 15.62
C ALA A 155 -3.26 -22.24 15.96
N ALA A 156 -2.71 -23.31 15.38
CA ALA A 156 -3.19 -24.66 15.68
C ALA A 156 -3.15 -24.93 17.17
N GLY A 157 -4.30 -25.19 17.76
CA GLY A 157 -4.40 -25.40 19.19
C GLY A 157 -4.53 -24.12 20.00
N GLY A 158 -4.65 -22.97 19.36
CA GLY A 158 -4.64 -21.70 20.05
C GLY A 158 -5.99 -21.26 20.58
N THR A 159 -5.97 -20.56 21.71
CA THR A 159 -7.17 -20.01 22.34
C THR A 159 -7.00 -18.50 22.57
N PHE A 160 -6.69 -17.76 21.51
CA PHE A 160 -6.51 -16.31 21.61
C PHE A 160 -7.84 -15.58 21.63
N THR A 161 -7.90 -14.47 22.37
CA THR A 161 -9.10 -13.66 22.52
C THR A 161 -9.17 -12.58 21.45
N ILE A 162 -10.39 -12.25 21.03
CA ILE A 162 -10.59 -11.13 20.12
C ILE A 162 -10.39 -9.82 20.91
N THR A 163 -9.52 -8.97 20.39
CA THR A 163 -9.06 -7.78 21.12
C THR A 163 -9.24 -6.53 20.29
N GLU A 164 -9.64 -5.44 20.94
CA GLU A 164 -9.69 -4.15 20.21
C GLU A 164 -8.27 -3.77 19.79
N ASP A 165 -8.10 -3.47 18.52
CA ASP A 165 -6.75 -3.14 17.98
C ASP A 165 -6.54 -1.64 18.10
N THR A 166 -5.66 -1.24 19.02
CA THR A 166 -5.46 0.20 19.32
C THR A 166 -4.09 0.64 18.83
N GLU A 167 -3.22 -0.31 18.52
CA GLU A 167 -1.90 0.10 18.08
C GLU A 167 -1.51 -0.38 16.68
N GLY A 168 -2.39 -1.11 16.00
CA GLY A 168 -2.10 -1.48 14.63
C GLY A 168 -2.45 -0.35 13.69
N PRO A 169 -1.95 -0.45 12.45
CA PRO A 169 -2.30 0.56 11.44
C PRO A 169 -3.78 0.50 11.12
N ARG A 170 -4.38 1.66 10.89
CA ARG A 170 -5.81 1.72 10.59
C ARG A 170 -6.13 1.08 9.23
N LEU A 171 -7.08 0.14 9.23
CA LEU A 171 -7.55 -0.41 7.96
C LEU A 171 -8.46 0.55 7.20
N GLY A 172 -9.10 1.49 7.88
CA GLY A 172 -10.17 2.25 7.26
C GLY A 172 -11.45 1.42 7.23
N ARG A 173 -11.39 0.29 6.55
CA ARG A 173 -12.48 -0.66 6.46
C ARG A 173 -11.93 -1.90 5.76
N GLY A 174 -12.34 -3.08 6.23
CA GLY A 174 -11.98 -4.29 5.55
C GLY A 174 -11.33 -5.29 6.49
N THR A 175 -10.55 -6.18 5.92
CA THR A 175 -9.94 -7.27 6.67
C THR A 175 -8.55 -7.49 6.13
N SER A 176 -7.61 -7.74 7.05
CA SER A 176 -6.21 -7.98 6.71
C SER A 176 -5.81 -9.28 7.37
N MET A 177 -5.37 -10.23 6.56
CA MET A 177 -4.87 -11.54 7.01
C MET A 177 -3.35 -11.53 6.94
N LYS A 178 -2.68 -11.50 8.10
CA LYS A 178 -1.22 -11.58 8.17
C LYS A 178 -0.81 -13.02 8.50
N LEU A 179 -0.20 -13.71 7.54
CA LEU A 179 0.18 -15.13 7.67
C LEU A 179 1.66 -15.20 8.00
N PHE A 180 1.99 -15.88 9.07
CA PHE A 180 3.40 -16.09 9.45
C PHE A 180 3.84 -17.38 8.75
N ILE A 181 4.54 -17.24 7.63
CA ILE A 181 4.89 -18.41 6.78
C ILE A 181 5.81 -19.41 7.49
N LYS A 182 5.63 -20.70 7.19
CA LYS A 182 6.49 -21.75 7.78
C LYS A 182 7.91 -21.60 7.25
N GLU A 183 8.91 -22.05 8.00
CA GLU A 183 10.34 -21.85 7.64
C GLU A 183 10.70 -22.49 6.30
N ASP A 184 10.09 -23.64 5.99
N ASP A 184 10.10 -23.65 5.99
CA ASP A 184 10.45 -24.37 4.74
CA ASP A 184 10.45 -24.37 4.74
C ASP A 184 9.58 -23.93 3.57
C ASP A 184 9.59 -23.91 3.56
N LEU A 185 8.71 -22.93 3.78
CA LEU A 185 7.78 -22.48 2.71
C LEU A 185 7.94 -20.99 2.38
N LYS A 186 9.13 -20.41 2.55
CA LYS A 186 9.32 -19.00 2.24
C LYS A 186 9.18 -18.69 0.75
N GLU A 187 9.04 -19.72 -0.09
CA GLU A 187 8.79 -19.49 -1.52
C GLU A 187 7.53 -18.68 -1.74
N TYR A 188 6.59 -18.73 -0.81
CA TYR A 188 5.35 -17.99 -0.96
C TYR A 188 5.50 -16.52 -0.59
N LEU A 189 6.75 -16.09 -0.33
CA LEU A 189 7.06 -14.65 -0.09
C LEU A 189 7.68 -14.04 -1.35
N GLU A 190 7.97 -14.87 -2.35
CA GLU A 190 8.67 -14.41 -3.54
C GLU A 190 7.68 -13.86 -4.56
N GLU A 191 8.06 -12.74 -5.19
CA GLU A 191 7.15 -12.01 -6.08
C GLU A 191 6.66 -12.90 -7.22
N LYS A 192 7.57 -13.60 -7.89
CA LYS A 192 7.16 -14.37 -9.05
C LYS A 192 6.24 -15.51 -8.66
N ARG A 193 6.46 -16.11 -7.49
CA ARG A 193 5.63 -17.23 -7.08
C ARG A 193 4.21 -16.75 -6.76
N ILE A 194 4.10 -15.62 -6.08
CA ILE A 194 2.81 -15.07 -5.75
C ILE A 194 2.01 -14.68 -6.99
N ARG A 195 2.66 -14.06 -7.96
CA ARG A 195 1.97 -13.63 -9.15
C ARG A 195 1.42 -14.82 -9.93
N GLU A 196 2.20 -15.89 -10.02
CA GLU A 196 1.73 -17.05 -10.76
C GLU A 196 0.51 -17.65 -10.10
N ILE A 197 0.54 -17.74 -8.79
CA ILE A 197 -0.56 -18.34 -8.06
C ILE A 197 -1.81 -17.52 -8.25
N VAL A 198 -1.68 -16.21 -8.19
CA VAL A 198 -2.83 -15.36 -8.36
C VAL A 198 -3.42 -15.47 -9.76
N LYS A 199 -2.55 -15.53 -10.75
CA LYS A 199 -3.01 -15.65 -12.12
C LYS A 199 -3.75 -16.94 -12.37
N LYS A 200 -3.20 -18.03 -11.87
CA LYS A 200 -3.79 -19.34 -12.03
C LYS A 200 -5.11 -19.56 -11.31
N HIS A 201 -5.19 -19.09 -10.08
CA HIS A 201 -6.39 -19.32 -9.28
C HIS A 201 -7.38 -18.18 -9.15
N SER A 202 -7.05 -17.00 -9.65
CA SER A 202 -7.96 -15.87 -9.49
C SER A 202 -8.46 -15.14 -10.74
N GLU A 203 -8.57 -15.85 -11.85
CA GLU A 203 -9.05 -15.24 -13.08
C GLU A 203 -10.45 -14.65 -12.92
N PHE A 204 -11.29 -15.35 -12.17
CA PHE A 204 -12.67 -14.95 -11.92
C PHE A 204 -12.92 -13.62 -11.18
N ILE A 205 -11.99 -13.21 -10.33
CA ILE A 205 -12.19 -12.02 -9.52
C ILE A 205 -12.42 -10.74 -10.29
N SER A 206 -13.42 -9.98 -9.85
CA SER A 206 -13.81 -8.72 -10.54
C SER A 206 -13.34 -7.43 -9.86
N TYR A 207 -12.45 -7.55 -8.86
CA TYR A 207 -11.81 -6.45 -8.15
C TYR A 207 -10.31 -6.44 -8.45
N PRO A 208 -9.69 -5.26 -8.47
CA PRO A 208 -8.24 -5.20 -8.66
C PRO A 208 -7.50 -5.99 -7.60
N ILE A 209 -6.48 -6.70 -8.05
CA ILE A 209 -5.62 -7.46 -7.15
C ILE A 209 -4.23 -6.84 -7.27
N GLN A 210 -3.75 -6.33 -6.16
CA GLN A 210 -2.49 -5.60 -6.13
C GLN A 210 -1.45 -6.40 -5.35
N LEU A 211 -0.19 -6.23 -5.75
CA LEU A 211 0.96 -6.78 -5.07
C LEU A 211 1.96 -5.67 -4.81
N VAL A 212 2.46 -5.56 -3.59
CA VAL A 212 3.55 -4.64 -3.27
C VAL A 212 4.88 -5.31 -3.54
N VAL A 213 5.64 -4.77 -4.48
CA VAL A 213 6.98 -5.28 -4.77
C VAL A 213 7.98 -4.26 -4.26
N THR A 214 9.04 -4.76 -3.64
CA THR A 214 10.05 -3.88 -3.02
C THR A 214 11.39 -4.04 -3.74
N LYS A 215 12.09 -2.95 -3.98
CA LYS A 215 13.37 -3.03 -4.63
C LYS A 215 14.27 -3.85 -3.73
N GLU A 216 14.98 -4.77 -4.32
CA GLU A 216 15.86 -5.65 -3.58
C GLU A 216 17.28 -5.17 -3.70
N THR A 217 18.00 -5.15 -2.59
CA THR A 217 19.38 -4.71 -2.64
C THR A 217 20.14 -5.64 -3.55
N GLU A 218 20.85 -5.03 -4.49
CA GLU A 218 21.67 -5.72 -5.51
N GLN B 13 3.01 30.25 -6.85
CA GLN B 13 3.30 31.40 -7.73
C GLN B 13 3.35 30.89 -9.16
N ALA B 14 2.47 31.44 -9.99
CA ALA B 14 2.39 31.02 -11.39
C ALA B 14 3.69 31.31 -12.10
N GLU B 15 4.32 32.42 -11.78
CA GLU B 15 5.52 32.84 -12.53
C GLU B 15 6.67 31.86 -12.30
N ILE B 16 6.92 31.49 -11.04
CA ILE B 16 8.06 30.59 -10.73
C ILE B 16 7.77 29.24 -11.35
N SER B 17 6.53 28.79 -11.25
CA SER B 17 6.15 27.47 -11.79
C SER B 17 6.35 27.50 -13.30
N GLN B 18 5.95 28.61 -13.91
CA GLN B 18 6.08 28.70 -15.37
C GLN B 18 7.54 28.78 -15.78
N LEU B 19 8.33 29.55 -15.03
CA LEU B 19 9.75 29.70 -15.31
C LEU B 19 10.48 28.37 -15.18
N LEU B 20 10.24 27.66 -14.07
CA LEU B 20 10.94 26.38 -13.87
C LEU B 20 10.49 25.35 -14.90
N ASP B 21 9.22 25.41 -15.32
CA ASP B 21 8.72 24.54 -16.38
C ASP B 21 9.51 24.74 -17.66
N LEU B 22 9.72 26.01 -18.06
CA LEU B 22 10.50 26.29 -19.25
C LEU B 22 11.95 25.82 -19.09
N ILE B 23 12.55 26.08 -17.94
CA ILE B 23 13.97 25.77 -17.74
C ILE B 23 14.18 24.25 -17.74
N ILE B 24 13.39 23.55 -16.93
CA ILE B 24 13.64 22.13 -16.71
C ILE B 24 13.34 21.35 -17.99
N ASN B 25 12.20 21.62 -18.62
CA ASN B 25 11.85 20.93 -19.86
C ASN B 25 12.76 21.30 -21.02
N THR B 26 13.43 22.46 -20.98
CA THR B 26 14.35 22.82 -22.07
C THR B 26 15.71 22.16 -21.91
N PHE B 27 16.21 22.06 -20.67
CA PHE B 27 17.57 21.61 -20.46
C PHE B 27 17.68 20.13 -20.13
N TYR B 28 16.58 19.49 -19.74
CA TYR B 28 16.60 18.08 -19.36
C TYR B 28 15.76 17.33 -20.38
N SER B 29 16.46 16.67 -21.32
CA SER B 29 15.79 15.89 -22.36
C SER B 29 15.37 14.51 -21.86
N ASN B 30 16.13 13.95 -20.91
CA ASN B 30 15.81 12.63 -20.37
C ASN B 30 14.78 12.82 -19.26
N LYS B 31 13.50 12.74 -19.65
CA LYS B 31 12.42 13.02 -18.71
C LYS B 31 12.35 12.00 -17.57
N GLU B 32 12.99 10.84 -17.71
CA GLU B 32 12.83 9.82 -16.67
C GLU B 32 13.42 10.25 -15.33
N ILE B 33 14.26 11.30 -15.31
CA ILE B 33 14.93 11.68 -14.06
C ILE B 33 14.00 12.27 -13.02
N PHE B 34 12.76 12.59 -13.38
CA PHE B 34 11.81 13.10 -12.39
C PHE B 34 11.67 12.12 -11.22
N LEU B 35 11.76 10.82 -11.50
CA LEU B 35 11.55 9.85 -10.44
C LEU B 35 12.74 9.83 -9.48
N ARG B 36 13.96 9.99 -10.01
CA ARG B 36 15.13 10.12 -9.16
C ARG B 36 15.01 11.32 -8.24
N GLU B 37 14.54 12.45 -8.78
CA GLU B 37 14.45 13.68 -7.99
C GLU B 37 13.42 13.56 -6.87
N LEU B 38 12.24 13.01 -7.19
CA LEU B 38 11.21 12.80 -6.17
C LEU B 38 11.64 11.76 -5.12
N ILE B 39 12.27 10.67 -5.56
CA ILE B 39 12.74 9.69 -4.60
C ILE B 39 13.82 10.29 -3.71
N SER B 40 14.66 11.18 -4.25
CA SER B 40 15.66 11.85 -3.43
C SER B 40 15.02 12.78 -2.41
N ASN B 41 13.99 13.53 -2.81
CA ASN B 41 13.25 14.38 -1.86
C ASN B 41 12.68 13.53 -0.74
N SER B 42 12.06 12.41 -1.11
CA SER B 42 11.43 11.51 -0.13
C SER B 42 12.46 11.01 0.88
N SER B 43 13.62 10.57 0.37
CA SER B 43 14.67 10.03 1.24
C SER B 43 15.20 11.10 2.20
N ASP B 44 15.37 12.34 1.72
CA ASP B 44 15.74 13.43 2.64
C ASP B 44 14.71 13.61 3.75
N ALA B 45 13.42 13.54 3.40
CA ALA B 45 12.38 13.72 4.42
C ALA B 45 12.34 12.54 5.38
N LEU B 46 12.71 11.36 4.89
CA LEU B 46 12.75 10.19 5.75
C LEU B 46 13.94 10.28 6.69
N ASP B 47 15.06 10.76 6.18
CA ASP B 47 16.27 11.02 7.02
C ASP B 47 15.82 11.92 8.20
N LYS B 48 15.11 12.99 7.89
CA LYS B 48 14.72 14.01 8.90
C LYS B 48 13.90 13.39 10.05
N ILE B 49 12.84 12.65 9.72
CA ILE B 49 12.02 12.05 10.78
C ILE B 49 12.82 11.01 11.56
N ARG B 50 13.73 10.30 10.90
CA ARG B 50 14.61 9.37 11.63
C ARG B 50 15.49 10.12 12.60
N TYR B 51 16.12 11.20 12.12
CA TYR B 51 16.96 12.02 12.98
C TYR B 51 16.18 12.55 14.18
N ALA B 52 14.95 13.03 13.93
CA ALA B 52 14.14 13.55 15.03
C ALA B 52 13.76 12.46 16.02
N ALA B 53 13.59 11.22 15.53
CA ALA B 53 13.13 10.12 16.36
C ALA B 53 14.22 9.60 17.28
N LEU B 54 15.47 9.86 16.95
CA LEU B 54 16.58 9.48 17.83
C LEU B 54 16.44 10.10 19.21
N THR B 55 15.96 11.35 19.30
CA THR B 55 15.84 12.02 20.58
C THR B 55 14.40 12.16 21.06
N ASP B 56 13.43 11.90 20.20
CA ASP B 56 12.02 11.92 20.57
C ASP B 56 11.35 10.77 19.83
N PRO B 57 11.41 9.56 20.41
CA PRO B 57 10.84 8.40 19.72
C PRO B 57 9.36 8.51 19.42
N SER B 58 8.59 9.25 20.22
CA SER B 58 7.16 9.40 19.94
C SER B 58 6.90 10.09 18.60
N GLN B 59 7.89 10.76 18.01
CA GLN B 59 7.72 11.33 16.69
C GLN B 59 7.26 10.31 15.66
N LEU B 60 7.51 9.03 15.93
CA LEU B 60 7.13 7.96 14.97
C LEU B 60 5.75 7.39 15.31
N ASP B 61 5.06 7.96 16.29
CA ASP B 61 3.74 7.41 16.68
C ASP B 61 2.75 7.54 15.52
N SER B 62 2.82 8.63 14.76
CA SER B 62 1.90 8.89 13.63
C SER B 62 2.07 7.82 12.54
N GLU B 63 3.26 7.27 12.37
CA GLU B 63 3.51 6.23 11.34
C GLU B 63 4.87 5.62 11.66
N LYS B 64 4.87 4.34 12.01
CA LYS B 64 6.11 3.67 12.45
C LYS B 64 6.94 3.13 11.29
N ASP B 65 6.34 2.92 10.13
CA ASP B 65 7.14 2.37 9.01
C ASP B 65 7.69 3.51 8.15
N LEU B 66 8.96 3.43 7.78
CA LEU B 66 9.65 4.43 6.93
C LEU B 66 9.82 3.82 5.54
N TYR B 67 9.16 4.37 4.53
CA TYR B 67 9.21 3.76 3.20
C TYR B 67 8.83 4.79 2.15
N ILE B 68 9.14 4.43 0.91
CA ILE B 68 8.71 5.17 -0.28
C ILE B 68 7.88 4.21 -1.11
N ARG B 69 6.69 4.65 -1.55
CA ARG B 69 5.81 3.77 -2.31
C ARG B 69 5.31 4.48 -3.57
N ILE B 70 5.36 3.76 -4.68
CA ILE B 70 4.95 4.25 -5.99
C ILE B 70 3.67 3.55 -6.39
N ILE B 71 2.63 4.31 -6.69
CA ILE B 71 1.34 3.73 -7.08
C ILE B 71 0.94 4.28 -8.44
N PRO B 72 1.06 3.50 -9.52
CA PRO B 72 0.49 3.93 -10.80
C PRO B 72 -1.01 3.70 -10.85
N ASN B 73 -1.72 4.61 -11.53
CA ASN B 73 -3.16 4.45 -11.76
C ASN B 73 -3.44 4.77 -13.23
N LYS B 74 -3.44 3.72 -14.06
CA LYS B 74 -3.63 3.93 -15.53
C LYS B 74 -5.03 4.46 -15.82
N GLU B 75 -6.00 4.02 -15.04
CA GLU B 75 -7.38 4.50 -15.29
C GLU B 75 -7.41 6.03 -15.10
N GLU B 76 -6.87 6.52 -13.98
CA GLU B 76 -6.87 7.94 -13.64
C GLU B 76 -5.77 8.71 -14.37
N GLY B 77 -4.78 8.02 -14.92
CA GLY B 77 -3.65 8.65 -15.59
C GLY B 77 -2.69 9.30 -14.63
N THR B 78 -2.44 8.68 -13.48
CA THR B 78 -1.69 9.31 -12.40
C THR B 78 -0.59 8.40 -11.90
N LEU B 79 0.50 9.02 -11.46
CA LEU B 79 1.58 8.33 -10.76
C LEU B 79 1.77 8.99 -9.41
N THR B 80 1.59 8.21 -8.35
CA THR B 80 1.68 8.77 -7.00
C THR B 80 2.93 8.24 -6.33
N ILE B 81 3.70 9.15 -5.73
CA ILE B 81 4.88 8.80 -4.93
C ILE B 81 4.59 9.29 -3.52
N ARG B 82 4.44 8.36 -2.59
CA ARG B 82 4.20 8.68 -1.20
C ARG B 82 5.38 8.23 -0.36
N ASP B 83 5.70 9.01 0.66
CA ASP B 83 6.70 8.61 1.64
C ASP B 83 6.11 8.90 3.02
N THR B 84 6.71 8.27 4.02
CA THR B 84 6.33 8.47 5.42
C THR B 84 7.43 9.25 6.13
N GLY B 85 8.03 10.21 5.40
CA GLY B 85 8.99 11.11 5.99
C GLY B 85 8.37 12.10 6.96
N ILE B 86 9.12 13.15 7.28
CA ILE B 86 8.67 14.09 8.29
C ILE B 86 7.49 14.94 7.81
N GLY B 87 7.22 14.97 6.52
CA GLY B 87 6.12 15.78 6.03
C GLY B 87 6.47 17.25 6.13
N MET B 88 5.49 18.09 5.82
CA MET B 88 5.67 19.54 5.84
C MET B 88 4.51 20.21 6.55
N THR B 89 4.83 21.21 7.35
CA THR B 89 3.81 22.03 7.96
C THR B 89 3.35 23.02 6.90
N LYS B 90 2.28 23.74 7.18
CA LYS B 90 1.80 24.75 6.23
C LYS B 90 2.88 25.81 6.01
N ALA B 91 3.56 26.23 7.06
CA ALA B 91 4.65 27.19 6.91
C ALA B 91 5.78 26.63 6.08
N ASP B 92 6.07 25.34 6.23
CA ASP B 92 7.12 24.70 5.47
C ASP B 92 6.82 24.78 3.98
N LEU B 93 5.58 24.50 3.62
CA LEU B 93 5.15 24.56 2.25
C LEU B 93 5.23 25.97 1.67
N VAL B 94 4.76 26.96 2.43
CA VAL B 94 4.78 28.32 1.96
C VAL B 94 6.21 28.78 1.78
N ASN B 95 7.02 28.48 2.76
CA ASN B 95 8.40 28.85 2.68
C ASN B 95 9.17 28.18 1.58
N ASN B 96 8.86 26.92 1.31
CA ASN B 96 9.55 26.21 0.27
C ASN B 96 9.29 26.88 -1.05
N LEU B 97 8.05 27.19 -1.32
CA LEU B 97 7.78 27.85 -2.57
C LEU B 97 8.32 29.26 -2.58
N GLY B 98 8.03 30.00 -1.54
CA GLY B 98 8.47 31.36 -1.55
C GLY B 98 9.92 31.64 -1.38
N THR B 99 10.53 31.07 -0.36
CA THR B 99 11.91 31.44 -0.14
C THR B 99 12.87 30.52 -0.84
N ILE B 100 12.70 29.23 -0.62
CA ILE B 100 13.64 28.36 -1.25
C ILE B 100 13.54 28.39 -2.76
N ALA B 101 12.35 28.38 -3.34
CA ALA B 101 12.29 28.36 -4.79
C ALA B 101 12.81 29.62 -5.49
N LYS B 102 12.50 30.79 -4.97
CA LYS B 102 13.01 31.96 -5.65
C LYS B 102 14.54 31.96 -5.61
N SER B 103 15.10 31.71 -4.43
CA SER B 103 16.52 31.67 -4.25
C SER B 103 17.14 30.51 -5.02
N GLY B 104 16.46 29.37 -4.97
CA GLY B 104 16.90 28.17 -5.65
C GLY B 104 16.89 28.27 -7.14
N THR B 105 15.89 28.94 -7.68
CA THR B 105 15.80 29.07 -9.11
C THR B 105 16.98 29.84 -9.63
N LYS B 106 17.36 30.88 -8.92
CA LYS B 106 18.50 31.67 -9.34
C LYS B 106 19.77 30.84 -9.31
N ALA B 107 19.97 30.06 -8.26
CA ALA B 107 21.16 29.22 -8.16
C ALA B 107 21.19 28.19 -9.28
N PHE B 108 20.03 27.60 -9.52
CA PHE B 108 19.85 26.65 -10.61
C PHE B 108 20.23 27.26 -11.94
N MET B 109 19.65 28.43 -12.24
CA MET B 109 19.92 29.13 -13.49
C MET B 109 21.39 29.50 -13.62
N GLU B 110 22.02 29.92 -12.50
CA GLU B 110 23.44 30.25 -12.52
C GLU B 110 24.29 29.03 -12.87
N ALA B 111 23.98 27.87 -12.30
CA ALA B 111 24.76 26.68 -12.58
C ALA B 111 24.58 26.22 -14.02
N LEU B 112 23.33 26.24 -14.51
CA LEU B 112 23.09 25.98 -15.92
C LEU B 112 23.90 26.92 -16.80
N SER B 113 23.84 28.22 -16.49
CA SER B 113 24.59 29.22 -17.25
C SER B 113 26.10 28.98 -17.19
N SER B 114 26.64 28.77 -15.98
CA SER B 114 28.08 28.66 -15.80
C SER B 114 28.64 27.30 -16.22
N GLY B 115 27.79 26.34 -16.57
CA GLY B 115 28.27 25.01 -16.89
C GLY B 115 28.75 24.21 -15.70
N ALA B 116 28.29 24.57 -14.51
CA ALA B 116 28.68 23.87 -13.30
C ALA B 116 28.07 22.47 -13.30
N ASP B 117 28.73 21.53 -12.66
CA ASP B 117 28.22 20.18 -12.64
C ASP B 117 26.90 20.17 -11.90
N ILE B 118 25.92 19.45 -12.42
CA ILE B 118 24.63 19.33 -11.76
C ILE B 118 24.20 17.89 -11.58
N SER B 119 24.53 17.33 -10.43
CA SER B 119 24.16 15.95 -10.09
C SER B 119 22.66 15.70 -9.87
N MET B 120 21.98 16.66 -9.27
CA MET B 120 20.57 16.52 -8.91
C MET B 120 19.97 17.92 -8.96
N ILE B 121 18.88 18.08 -9.70
CA ILE B 121 18.19 19.37 -9.74
C ILE B 121 17.85 19.81 -8.34
N GLY B 122 17.55 18.86 -7.45
CA GLY B 122 17.16 19.16 -6.09
C GLY B 122 18.27 19.72 -5.23
N GLN B 123 19.52 19.65 -5.66
CA GLN B 123 20.57 20.33 -4.91
C GLN B 123 20.30 21.83 -4.80
N PHE B 124 19.50 22.39 -5.70
CA PHE B 124 19.08 23.79 -5.61
C PHE B 124 17.76 23.93 -4.89
N GLY B 125 17.17 22.82 -4.45
CA GLY B 125 15.89 22.85 -3.79
C GLY B 125 14.70 22.90 -4.71
N VAL B 126 14.90 22.72 -6.01
CA VAL B 126 13.82 22.87 -6.97
C VAL B 126 13.45 21.53 -7.60
N GLY B 127 13.81 20.42 -6.93
CA GLY B 127 13.57 19.09 -7.47
C GLY B 127 12.11 18.75 -7.67
N PHE B 128 11.22 19.30 -6.83
CA PHE B 128 9.79 19.05 -7.04
C PHE B 128 9.38 19.39 -8.46
N TYR B 129 9.90 20.49 -9.00
CA TYR B 129 9.46 20.95 -10.31
C TYR B 129 9.95 20.05 -11.43
N SER B 130 10.83 19.10 -11.15
CA SER B 130 11.13 18.10 -12.17
C SER B 130 9.92 17.23 -12.50
N SER B 131 8.89 17.21 -11.64
CA SER B 131 7.64 16.54 -12.01
C SER B 131 7.13 16.99 -13.36
N TYR B 132 7.36 18.27 -13.70
CA TYR B 132 6.86 18.85 -14.93
C TYR B 132 7.46 18.24 -16.19
N LEU B 133 8.52 17.44 -16.04
CA LEU B 133 9.00 16.70 -17.19
C LEU B 133 7.96 15.70 -17.70
N VAL B 134 7.14 15.13 -16.80
CA VAL B 134 6.17 14.12 -17.19
C VAL B 134 4.74 14.46 -16.80
N ALA B 135 4.51 15.53 -16.03
CA ALA B 135 3.20 15.79 -15.43
C ALA B 135 2.65 17.13 -15.92
N GLU B 136 1.37 17.12 -16.29
CA GLU B 136 0.69 18.39 -16.61
C GLU B 136 0.26 19.11 -15.33
N LYS B 137 0.02 18.38 -14.25
CA LYS B 137 -0.27 18.98 -12.96
C LYS B 137 0.13 17.99 -11.87
N VAL B 138 0.35 18.52 -10.68
CA VAL B 138 0.71 17.74 -9.51
C VAL B 138 -0.18 18.17 -8.35
N GLN B 139 -0.62 17.20 -7.55
CA GLN B 139 -1.38 17.48 -6.31
C GLN B 139 -0.49 16.98 -5.18
N VAL B 140 -0.09 17.90 -4.32
CA VAL B 140 0.80 17.63 -3.17
C VAL B 140 -0.05 17.46 -1.91
N THR B 141 0.02 16.29 -1.28
CA THR B 141 -0.60 16.05 0.04
C THR B 141 0.54 15.86 1.05
N THR B 142 0.42 16.49 2.21
CA THR B 142 1.49 16.43 3.24
C THR B 142 0.90 16.53 4.65
N LYS B 143 1.58 15.90 5.60
CA LYS B 143 1.16 15.87 7.02
C LYS B 143 2.40 15.79 7.91
N HIS B 144 2.62 16.84 8.68
CA HIS B 144 3.74 16.90 9.65
C HIS B 144 3.13 16.73 11.05
N ASN B 145 3.85 16.17 12.00
CA ASN B 145 3.33 15.96 13.39
C ASN B 145 2.81 17.25 14.04
N ASP B 146 3.43 18.39 13.77
CA ASP B 146 3.04 19.68 14.40
C ASP B 146 1.99 20.48 13.63
N ASP B 147 1.27 19.88 12.67
CA ASP B 147 0.29 20.65 11.85
C ASP B 147 -0.76 19.69 11.25
N GLU B 148 -1.71 20.24 10.49
CA GLU B 148 -2.79 19.38 9.93
C GLU B 148 -2.36 18.84 8.56
N GLN B 149 -3.22 18.05 7.91
CA GLN B 149 -2.92 17.57 6.56
C GLN B 149 -3.36 18.66 5.56
N TYR B 150 -2.51 19.01 4.62
CA TYR B 150 -2.84 20.03 3.66
C TYR B 150 -2.70 19.46 2.27
N ILE B 151 -3.40 20.05 1.33
CA ILE B 151 -3.33 19.64 -0.05
C ILE B 151 -3.04 20.87 -0.89
N TRP B 152 -2.10 20.78 -1.81
CA TRP B 152 -1.76 21.90 -2.67
C TRP B 152 -1.56 21.47 -4.14
N GLU B 153 -2.25 22.11 -5.08
CA GLU B 153 -2.12 21.81 -6.50
C GLU B 153 -0.98 22.58 -7.17
N SER B 154 -0.35 22.01 -8.19
CA SER B 154 0.78 22.70 -8.87
C SER B 154 0.67 22.48 -10.38
N ALA B 155 0.74 23.57 -11.13
CA ALA B 155 0.85 23.44 -12.58
C ALA B 155 1.54 24.69 -13.13
N ALA B 156 2.28 24.54 -14.21
CA ALA B 156 3.01 25.67 -14.71
C ALA B 156 2.08 26.83 -14.98
N GLY B 157 2.47 28.01 -14.50
CA GLY B 157 1.67 29.21 -14.67
C GLY B 157 0.30 29.11 -14.05
N GLY B 158 0.21 28.47 -12.90
CA GLY B 158 -1.06 28.33 -12.22
C GLY B 158 -1.00 28.85 -10.82
N THR B 159 -2.13 29.34 -10.32
CA THR B 159 -2.19 29.83 -8.98
C THR B 159 -3.11 28.94 -8.19
N PHE B 160 -2.58 28.30 -7.16
CA PHE B 160 -3.38 27.42 -6.35
C PHE B 160 -3.17 27.71 -4.89
N THR B 161 -4.21 27.52 -4.11
CA THR B 161 -4.14 27.81 -2.68
C THR B 161 -3.81 26.55 -1.88
N ILE B 162 -3.08 26.77 -0.80
CA ILE B 162 -2.79 25.69 0.17
C ILE B 162 -4.10 25.44 0.92
N THR B 163 -4.57 24.20 0.93
CA THR B 163 -5.89 23.96 1.54
C THR B 163 -5.90 22.86 2.60
N GLU B 164 -6.58 23.10 3.73
CA GLU B 164 -6.72 22.05 4.78
C GLU B 164 -7.39 20.84 4.14
N ASP B 165 -6.71 19.69 4.14
CA ASP B 165 -7.28 18.50 3.51
C ASP B 165 -8.28 17.86 4.47
N THR B 166 -9.57 18.04 4.19
CA THR B 166 -10.64 17.39 4.91
C THR B 166 -11.17 16.16 4.19
N GLU B 167 -11.01 16.07 2.87
CA GLU B 167 -11.63 15.00 2.11
C GLU B 167 -10.72 13.79 1.97
N GLY B 168 -9.43 14.01 1.74
CA GLY B 168 -8.52 12.97 1.35
C GLY B 168 -8.27 11.91 2.42
N PRO B 169 -7.70 10.78 2.00
CA PRO B 169 -7.28 9.77 2.97
C PRO B 169 -6.13 10.26 3.84
N ARG B 170 -6.18 9.86 5.10
CA ARG B 170 -5.17 10.27 6.07
C ARG B 170 -3.81 9.71 5.70
N LEU B 171 -2.78 10.56 5.77
CA LEU B 171 -1.42 10.11 5.51
C LEU B 171 -0.74 9.51 6.73
N GLY B 172 -1.23 9.80 7.93
CA GLY B 172 -0.49 9.49 9.14
C GLY B 172 0.61 10.51 9.34
N ARG B 173 1.57 10.50 8.42
CA ARG B 173 2.69 11.43 8.40
C ARG B 173 3.38 11.26 7.05
N GLY B 174 3.87 12.36 6.48
CA GLY B 174 4.65 12.19 5.28
C GLY B 174 4.10 13.06 4.16
N THR B 175 4.47 12.72 2.94
CA THR B 175 4.11 13.53 1.78
C THR B 175 3.74 12.61 0.65
N SER B 176 2.68 12.97 -0.09
CA SER B 176 2.22 12.20 -1.23
C SER B 176 2.11 13.10 -2.46
N MET B 177 2.91 12.81 -3.49
CA MET B 177 2.94 13.55 -4.75
C MET B 177 2.12 12.80 -5.77
N LYS B 178 0.99 13.37 -6.19
CA LYS B 178 0.14 12.74 -7.21
C LYS B 178 0.35 13.47 -8.52
N LEU B 179 1.04 12.82 -9.46
CA LEU B 179 1.39 13.41 -10.75
C LEU B 179 0.37 13.02 -11.80
N PHE B 180 -0.16 14.02 -12.49
CA PHE B 180 -1.12 13.81 -13.61
C PHE B 180 -0.30 13.75 -14.91
N ILE B 181 -0.01 12.56 -15.38
CA ILE B 181 0.84 12.36 -16.54
C ILE B 181 0.29 12.96 -17.83
N LYS B 182 1.19 13.46 -18.66
CA LYS B 182 0.86 14.03 -19.96
C LYS B 182 0.41 12.90 -20.87
N GLU B 183 -0.44 13.19 -21.85
CA GLU B 183 -0.99 12.14 -22.70
C GLU B 183 0.01 11.29 -23.44
N ASP B 184 1.10 11.85 -23.93
CA ASP B 184 2.03 11.01 -24.66
C ASP B 184 3.09 10.33 -23.81
N LEU B 185 3.02 10.54 -22.51
CA LEU B 185 4.02 9.98 -21.61
C LEU B 185 3.52 8.90 -20.69
N LYS B 186 2.48 8.20 -21.11
CA LYS B 186 1.88 7.19 -20.28
C LYS B 186 2.83 6.06 -20.00
N GLU B 187 3.92 6.01 -20.71
CA GLU B 187 4.91 4.96 -20.46
C GLU B 187 5.39 4.98 -19.02
N TYR B 188 5.39 6.15 -18.38
CA TYR B 188 5.83 6.24 -17.00
C TYR B 188 4.82 5.67 -16.02
N LEU B 189 3.70 5.14 -16.49
CA LEU B 189 2.80 4.37 -15.63
C LEU B 189 3.03 2.87 -15.73
N GLU B 190 3.88 2.42 -16.65
CA GLU B 190 4.08 0.98 -16.84
C GLU B 190 5.01 0.41 -15.78
N GLU B 191 4.69 -0.79 -15.31
CA GLU B 191 5.49 -1.41 -14.26
C GLU B 191 6.96 -1.53 -14.67
N LYS B 192 7.22 -2.06 -15.85
CA LYS B 192 8.61 -2.34 -16.18
C LYS B 192 9.39 -1.05 -16.46
N ARG B 193 8.76 -0.02 -17.01
CA ARG B 193 9.44 1.27 -17.15
C ARG B 193 9.80 1.84 -15.79
N ILE B 194 8.86 1.83 -14.86
CA ILE B 194 9.12 2.39 -13.56
C ILE B 194 10.22 1.66 -12.83
N ARG B 195 10.20 0.34 -12.89
CA ARG B 195 11.19 -0.44 -12.19
C ARG B 195 12.59 -0.20 -12.71
N GLU B 196 12.75 -0.15 -14.02
CA GLU B 196 14.06 0.10 -14.59
C GLU B 196 14.56 1.49 -14.24
N ILE B 197 13.68 2.47 -14.26
CA ILE B 197 14.09 3.81 -13.92
C ILE B 197 14.57 3.86 -12.48
N VAL B 198 13.85 3.22 -11.59
CA VAL B 198 14.23 3.20 -10.18
C VAL B 198 15.54 2.49 -9.95
N LYS B 199 15.73 1.36 -10.59
CA LYS B 199 16.95 0.60 -10.42
C LYS B 199 18.15 1.39 -10.91
N LYS B 200 17.98 2.05 -12.04
CA LYS B 200 19.01 2.87 -12.63
C LYS B 200 19.42 4.13 -11.88
N HIS B 201 18.45 4.88 -11.38
CA HIS B 201 18.73 6.15 -10.72
C HIS B 201 18.65 6.22 -9.20
N SER B 202 18.17 5.18 -8.55
CA SER B 202 18.02 5.22 -7.10
C SER B 202 18.72 4.10 -6.37
N GLU B 203 19.87 3.74 -6.89
CA GLU B 203 20.65 2.64 -6.36
C GLU B 203 21.02 2.82 -4.92
N PHE B 204 21.39 4.04 -4.54
CA PHE B 204 21.86 4.25 -3.19
C PHE B 204 20.84 4.64 -2.14
N ILE B 205 19.56 4.68 -2.48
CA ILE B 205 18.55 5.02 -1.49
C ILE B 205 18.58 3.97 -0.40
N SER B 206 18.48 4.41 0.85
CA SER B 206 18.61 3.50 1.98
C SER B 206 17.27 3.04 2.56
N TYR B 207 16.17 3.58 2.10
CA TYR B 207 14.82 3.20 2.53
C TYR B 207 14.20 2.24 1.53
N PRO B 208 13.26 1.39 1.98
CA PRO B 208 12.57 0.51 1.02
C PRO B 208 11.83 1.34 -0.02
N ILE B 209 12.00 0.98 -1.29
CA ILE B 209 11.21 1.56 -2.36
C ILE B 209 10.24 0.49 -2.86
N GLN B 210 8.94 0.75 -2.70
CA GLN B 210 7.89 -0.18 -3.05
C GLN B 210 7.13 0.28 -4.30
N LEU B 211 6.67 -0.71 -5.07
CA LEU B 211 5.82 -0.47 -6.23
C LEU B 211 4.58 -1.32 -6.11
N VAL B 212 3.42 -0.67 -6.26
CA VAL B 212 2.13 -1.35 -6.27
C VAL B 212 1.84 -1.79 -7.70
N VAL B 213 1.91 -3.10 -7.93
CA VAL B 213 1.60 -3.64 -9.28
C VAL B 213 0.18 -4.21 -9.23
N THR B 214 -0.58 -4.04 -10.29
CA THR B 214 -1.98 -4.53 -10.34
C THR B 214 -2.09 -5.63 -11.38
N LYS B 215 -2.81 -6.71 -11.05
CA LYS B 215 -2.95 -7.83 -12.03
C LYS B 215 -3.66 -7.30 -13.27
N GLU B 216 -3.17 -7.71 -14.42
CA GLU B 216 -3.66 -7.32 -15.77
C GLU B 216 -4.96 -8.05 -16.07
N THR B 217 -6.05 -7.32 -16.24
CA THR B 217 -7.34 -7.98 -16.53
C THR B 217 -7.24 -8.77 -17.84
C13 W8Y C . -12.27 -11.08 4.39
C15 W8Y C . -13.16 -11.57 5.32
C20 W8Y C . -17.90 -10.92 4.73
C22 W8Y C . -15.92 -12.21 4.49
C24 W8Y C . -19.35 -12.32 2.91
C04 W8Y C . -13.62 -16.43 8.65
C06 W8Y C . -13.93 -14.68 7.34
O17 W8Y C . -14.17 -9.72 6.44
C27 W8Y C . -13.29 -17.35 9.79
C09 W8Y C . -11.95 -13.64 5.50
C31 W8Y C . -12.07 -17.88 11.76
C01 W8Y C . -14.92 -15.88 5.39
C16 W8Y C . -14.34 -10.70 5.75
O14 W8Y C . -12.42 -9.80 3.86
C26 W8Y C . -19.23 -10.52 4.51
C08 W8Y C . -13.02 -12.85 5.86
C29 W8Y C . -13.71 -19.42 10.91
N23 W8Y C . -18.10 -12.68 3.14
C05 W8Y C . -13.46 -15.04 8.58
C10 W8Y C . -11.05 -13.14 4.58
C12 W8Y C . -11.19 -11.87 4.03
C19 W8Y C . -16.82 -10.35 5.67
C21 W8Y C . -17.38 -12.00 4.03
C25 W8Y C . -19.97 -11.25 3.57
C28 W8Y C . -13.98 -18.54 9.86
C30 W8Y C . -12.75 -19.08 11.84
C32 W8Y C . -12.33 -17.00 10.73
N02 W8Y C . -14.33 -15.78 6.72
N03 W8Y C . -14.15 -16.87 7.52
N07 W8Y C . -13.99 -13.35 6.81
N18 W8Y C . -15.63 -11.08 5.33
O11 W8Y C . -9.95 -13.92 4.21
C13 W8Y D . 8.76 14.81 0.30
C15 W8Y D . 8.86 16.16 0.63
C20 W8Y D . 11.82 17.50 4.25
C22 W8Y D . 11.35 17.12 1.94
C24 W8Y D . 14.55 17.50 4.00
C04 W8Y D . 8.31 21.07 -2.49
C06 W8Y D . 9.06 19.57 -1.03
O17 W8Y D . 7.84 16.50 2.74
C27 W8Y D . 7.43 22.00 -3.30
C09 W8Y D . 9.00 16.76 -1.67
C31 W8Y D . 5.27 22.60 -4.16
C01 W8Y D . 11.47 19.65 -1.63
C16 W8Y D . 8.85 16.57 2.10
O14 W8Y D . 8.63 13.91 1.35
C26 W8Y D . 12.59 17.69 5.41
C08 W8Y D . 8.97 17.15 -0.35
C29 W8Y D . 7.20 23.97 -4.66
N23 W8Y D . 13.78 17.32 2.92
C05 W8Y D . 7.93 20.20 -1.47
C10 W8Y D . 8.89 15.42 -2.02
C12 W8Y D . 8.77 14.41 -1.03
C19 W8Y D . 10.29 17.45 4.04
C21 W8Y D . 12.44 17.31 3.02
C25 W8Y D . 13.99 17.70 5.26
C28 W8Y D . 8.00 23.11 -3.92
C30 W8Y D . 5.85 23.71 -4.78
C32 W8Y D . 6.06 21.74 -3.41
N02 W8Y D . 10.07 20.04 -1.74
N03 W8Y D . 9.62 20.95 -2.65
N07 W8Y D . 9.11 18.55 0.01
N18 W8Y D . 10.10 17.01 2.67
O11 W8Y D . 8.91 15.10 -3.38
#